data_7URK
#
_entry.id   7URK
#
_cell.length_a   113.785
_cell.length_b   113.785
_cell.length_c   95.709
_cell.angle_alpha   90.000
_cell.angle_beta   90.000
_cell.angle_gamma   120.000
#
_symmetry.space_group_name_H-M   'H 3'
#
loop_
_entity.id
_entity.type
_entity.pdbx_description
1 polymer "DNA (5'-D(*GP*AP*GP*CP*A*(96T)P*GP*CP*CP*TP*GP*TP*A)-3')"
2 polymer "DNA (5'-D(P*AP*CP*AP*CP*CP*GP*T)-3')"
3 polymer "DNA (5'-D(*TP*CP*TP*GP*AP*TP*GP*TP*GP*GP*CP*TP*GP*C)-3')"
4 polymer "DNA (5'-D(P*CP*GP*GP*AP*CP*AP*TP*CP*A)-3')"
#
loop_
_entity_poly.entity_id
_entity_poly.type
_entity_poly.pdbx_seq_one_letter_code
_entity_poly.pdbx_strand_id
1 'polydeoxyribonucleotide' (DG)(DA)(DG)(DC)(DA)(96T)(DG)(DC)(DC)(DT)(DG)(DT)(DA) A
2 'polydeoxyribonucleotide' (DA)(DC)(DA)(DC)(DC)(DG)(DT) B
3 'polydeoxyribonucleotide' (DT)(DC)(DT)(DG)(DA)(DT)(DG)(DT)(DG)(DG)(DC)(DT)(DG)(DC) C
4 'polydeoxyribonucleotide' (DC)(DG)(DG)(DA)(DC)(DA)(DT)(DC)(DA) D
#
loop_
_chem_comp.id
_chem_comp.type
_chem_comp.name
_chem_comp.formula
96T non-polymer 3-[(2~{Z})-2-[(~{E})-3-[3,3-dimethyl-1-(3-oxidanylpropyl)indol-1-ium-2-yl]prop-2-enylidene]-3,3-dimethyl-indol-1-yl]propan-1-ol 'C29 H37 N2 O2 1'
DA DNA linking 2'-DEOXYADENOSINE-5'-MONOPHOSPHATE 'C10 H14 N5 O6 P'
DC DNA linking 2'-DEOXYCYTIDINE-5'-MONOPHOSPHATE 'C9 H14 N3 O7 P'
DG DNA linking 2'-DEOXYGUANOSINE-5'-MONOPHOSPHATE 'C10 H14 N5 O7 P'
DT DNA linking THYMIDINE-5'-MONOPHOSPHATE 'C10 H15 N2 O8 P'
#
# COMPACT_ATOMS: atom_id res chain seq x y z
OBD 96T A 6 -5.49 -5.12 0.43
CBC 96T A 6 -4.17 -4.67 0.48
CBB 96T A 6 -4.16 -3.21 0.91
CAZ 96T A 6 -2.72 -2.75 0.78
NAU 96T A 6 -2.18 -2.01 1.90
CAT 96T A 6 -2.57 -2.13 3.34
CAS 96T A 6 -3.45 -2.85 4.10
CAR 96T A 6 -3.51 -2.66 5.49
CAC 96T A 6 -2.66 -1.72 6.17
CAD 96T A 6 -1.74 -0.98 5.42
CAE 96T A 6 -1.70 -1.17 4.08
CAF 96T A 6 -0.84 -0.63 2.87
CAP 96T A 6 0.45 -0.96 3.05
CAA 96T A 6 -0.94 0.71 2.83
CAG 96T A 6 -1.26 -1.14 1.64
CAH 96T A 6 -0.78 -1.01 0.16
CAI 96T A 6 -0.37 -0.08 -0.72
CAJ 96T A 6 -0.07 1.44 -0.62
CAK 96T A 6 0.97 1.94 -1.31
CAL 96T A 6 2.25 2.43 -0.75
CAQ 96T A 6 2.98 1.32 0.00
CAB 96T A 6 1.99 3.63 0.16
CAM 96T A 6 3.13 2.88 -1.88
CAN 96T A 6 4.35 3.55 -1.92
CAO 96T A 6 4.95 3.84 -3.14
CAY 96T A 6 4.33 3.47 -4.33
CAX 96T A 6 3.11 2.79 -4.30
CAW 96T A 6 2.51 2.50 -3.08
NAV 96T A 6 1.22 1.78 -2.75
CBA 96T A 6 0.44 1.06 -3.74
CBE 96T A 6 1.17 -0.23 -4.14
CBF 96T A 6 1.68 -0.11 -5.57
OBG 96T A 6 3.06 0.08 -5.56
#